data_4C2S
#
_entry.id   4C2S
#
_cell.length_a   147.510
_cell.length_b   52.610
_cell.length_c   80.270
_cell.angle_alpha   90.00
_cell.angle_beta   89.97
_cell.angle_gamma   90.00
#
_symmetry.space_group_name_H-M   'C 1 2 1'
#
loop_
_entity.id
_entity.type
_entity.pdbx_description
1 polymer 'HISTO-BLOOD GROUP ABO SYSTEM TRANSFERASE'
2 branched 'alpha-L-fucopyranose-(1-2)-hexyl 3-deoxy-beta-D-galactopyranoside'
3 non-polymer 'MANGANESE (II) ION'
4 non-polymer "URIDINE-5'-DIPHOSPHATE"
5 water water
#
_entity_poly.entity_id   1
_entity_poly.type   'polypeptide(L)'
_entity_poly.pdbx_seq_one_letter_code
;MVSLPRMVYPQPKVLTPCRKDVLVVTPWLAPIVWEGTFNIDILNEQFRLQNTTIGLTVFAIKKYVAFLKLFLETAEKHFM
VGHRVHYYVFTDQLAAVPRVTLGTGRQLSVLEVRAYKRWQDVSMRRMEMISDFCERRFLSEVDYLVCVDVDMEFRDHVGV
EILTPLFGTLHPGFYGSSREAFTYERRPQSQAYIPKDEGDFYYLGGFFGGSVQEVQRLTRACHQAMMVDQANGIEAVWHD
ESHLNKYLLRHKPTKVLSPEYLWDQQLLGWPAVLRKLRFTAVPKNHQAVRNP
;
_entity_poly.pdbx_strand_id   A,B
#
# COMPACT_ATOMS: atom_id res chain seq x y z
N MET A 1 -12.25 -7.09 5.86
CA MET A 1 -11.16 -8.11 5.77
C MET A 1 -11.69 -9.52 6.03
N VAL A 2 -10.76 -10.35 6.48
CA VAL A 2 -11.05 -11.74 6.86
C VAL A 2 -10.02 -12.16 7.93
N SER A 3 -10.48 -12.36 9.17
CA SER A 3 -9.60 -12.60 10.34
C SER A 3 -8.53 -13.68 10.09
N LEU A 4 -7.25 -13.31 10.26
CA LEU A 4 -6.15 -14.26 10.03
C LEU A 4 -6.07 -15.29 11.15
N PRO A 5 -5.71 -16.54 10.79
CA PRO A 5 -5.41 -17.57 11.79
C PRO A 5 -4.07 -17.38 12.49
N ARG A 6 -3.88 -18.08 13.59
CA ARG A 6 -2.59 -18.11 14.28
C ARG A 6 -1.47 -18.57 13.32
N MET A 7 -0.33 -17.90 13.34
CA MET A 7 0.80 -18.26 12.47
C MET A 7 2.10 -18.12 13.22
N VAL A 8 3.10 -18.93 12.85
CA VAL A 8 4.42 -18.87 13.46
C VAL A 8 5.48 -18.59 12.39
N TYR A 9 6.12 -17.43 12.52
CA TYR A 9 7.13 -17.00 11.56
C TYR A 9 8.15 -16.10 12.26
N PRO A 10 9.38 -15.99 11.70
CA PRO A 10 10.40 -15.10 12.26
C PRO A 10 9.90 -13.65 12.36
N GLN A 11 10.28 -13.00 13.45
CA GLN A 11 9.77 -11.67 13.80
C GLN A 11 10.48 -10.57 12.97
N PRO A 12 9.69 -9.67 12.35
CA PRO A 12 10.25 -8.52 11.61
C PRO A 12 10.98 -7.54 12.52
N LYS A 13 12.16 -7.11 12.13
CA LYS A 13 13.00 -6.26 13.01
C LYS A 13 13.10 -4.82 12.51
N VAL A 14 12.71 -3.91 13.37
CA VAL A 14 12.60 -2.48 13.05
C VAL A 14 13.98 -1.88 12.84
N LEU A 15 14.93 -2.31 13.67
CA LEU A 15 16.31 -1.84 13.56
C LEU A 15 17.19 -2.70 12.63
N THR A 16 16.58 -3.62 11.88
CA THR A 16 17.32 -4.48 10.95
C THR A 16 16.54 -4.64 9.62
N PRO A 17 16.80 -3.75 8.65
CA PRO A 17 16.23 -3.86 7.31
C PRO A 17 16.55 -5.17 6.63
N CYS A 18 15.59 -5.67 5.85
CA CYS A 18 15.76 -6.89 5.03
C CYS A 18 16.74 -6.59 3.89
N ARG A 19 16.51 -5.51 3.16
CA ARG A 19 17.40 -5.10 2.06
C ARG A 19 17.97 -3.69 2.31
N LYS A 20 19.28 -3.59 2.47
CA LYS A 20 19.98 -2.35 2.60
C LYS A 20 20.56 -1.92 1.25
N ASP A 21 20.52 -2.81 0.27
CA ASP A 21 21.15 -2.62 -1.03
C ASP A 21 20.26 -1.95 -2.08
N VAL A 22 18.98 -1.83 -1.79
CA VAL A 22 18.00 -1.32 -2.77
C VAL A 22 16.93 -0.44 -2.14
N LEU A 23 16.28 0.34 -2.99
CA LEU A 23 15.05 1.06 -2.63
C LEU A 23 13.91 0.04 -2.54
N VAL A 24 13.31 -0.11 -1.35
CA VAL A 24 12.22 -1.01 -1.14
C VAL A 24 10.85 -0.29 -0.98
N VAL A 25 10.87 1.04 -1.11
CA VAL A 25 9.65 1.84 -1.10
C VAL A 25 9.80 3.12 -1.96
N THR A 26 8.76 3.47 -2.71
CA THR A 26 8.81 4.64 -3.59
C THR A 26 8.65 5.96 -2.81
N PRO A 27 8.88 7.10 -3.46
CA PRO A 27 8.62 8.37 -2.82
C PRO A 27 7.12 8.68 -2.57
N TRP A 28 6.22 7.86 -3.09
CA TRP A 28 4.78 7.98 -2.77
C TRP A 28 4.29 6.83 -1.86
N LEU A 29 5.25 6.15 -1.25
CA LEU A 29 4.98 5.04 -0.29
C LEU A 29 4.31 3.81 -0.93
N ALA A 30 4.83 3.43 -2.09
CA ALA A 30 4.46 2.15 -2.67
C ALA A 30 5.63 1.21 -2.47
N PRO A 31 5.35 -0.02 -1.99
CA PRO A 31 6.42 -1.00 -1.91
C PRO A 31 7.06 -1.35 -3.28
N ILE A 32 8.40 -1.47 -3.29
CA ILE A 32 9.11 -2.08 -4.40
C ILE A 32 9.42 -3.54 -4.00
N VAL A 33 8.85 -4.48 -4.75
CA VAL A 33 8.86 -5.91 -4.39
C VAL A 33 10.16 -6.57 -4.86
N TRP A 34 11.07 -6.73 -3.90
CA TRP A 34 12.32 -7.47 -4.07
C TRP A 34 12.25 -8.72 -3.19
N GLU A 35 13.04 -9.73 -3.53
CA GLU A 35 13.10 -10.92 -2.70
C GLU A 35 13.75 -10.50 -1.39
N GLY A 36 13.09 -10.83 -0.26
CA GLY A 36 13.55 -10.48 1.08
C GLY A 36 12.56 -9.55 1.76
N THR A 37 11.79 -8.82 0.96
CA THR A 37 10.88 -7.77 1.48
C THR A 37 9.52 -8.33 1.93
N PHE A 38 9.28 -9.61 1.72
CA PHE A 38 7.98 -10.18 1.99
C PHE A 38 7.98 -11.62 2.48
N ASN A 39 6.94 -11.95 3.25
CA ASN A 39 6.72 -13.28 3.77
C ASN A 39 5.51 -13.81 3.02
N ILE A 40 5.74 -14.83 2.20
CA ILE A 40 4.67 -15.34 1.33
C ILE A 40 3.55 -16.02 2.07
N ASP A 41 3.86 -16.62 3.21
CA ASP A 41 2.84 -17.20 4.10
C ASP A 41 1.75 -16.20 4.42
N ILE A 42 2.14 -15.02 4.87
CA ILE A 42 1.19 -14.00 5.31
C ILE A 42 0.34 -13.51 4.14
N LEU A 43 1.00 -13.18 3.02
CA LEU A 43 0.32 -12.76 1.82
C LEU A 43 -0.60 -13.83 1.23
N ASN A 44 -0.14 -15.08 1.15
CA ASN A 44 -0.97 -16.19 0.71
C ASN A 44 -2.21 -16.39 1.56
N GLU A 45 -2.10 -16.11 2.88
CA GLU A 45 -3.23 -16.14 3.76
C GLU A 45 -4.24 -15.03 3.40
N GLN A 46 -3.76 -13.78 3.36
CA GLN A 46 -4.59 -12.62 3.16
C GLN A 46 -5.43 -12.74 1.91
N PHE A 47 -4.80 -13.16 0.80
CA PHE A 47 -5.49 -13.24 -0.45
C PHE A 47 -6.43 -14.48 -0.55
N ARG A 48 -5.91 -15.62 -0.15
CA ARG A 48 -6.70 -16.86 -0.23
C ARG A 48 -8.01 -16.77 0.55
N LEU A 49 -7.99 -16.07 1.71
CA LEU A 49 -9.18 -15.82 2.48
C LEU A 49 -10.16 -14.88 1.77
N GLN A 50 -9.63 -14.05 0.87
CA GLN A 50 -10.48 -13.22 0.02
C GLN A 50 -11.11 -14.03 -1.11
N ASN A 51 -10.64 -15.24 -1.30
CA ASN A 51 -11.02 -16.10 -2.45
C ASN A 51 -10.65 -15.42 -3.75
N THR A 52 -9.45 -14.82 -3.76
CA THR A 52 -8.97 -13.98 -4.84
C THR A 52 -8.78 -14.75 -6.14
N THR A 53 -9.25 -14.15 -7.23
CA THR A 53 -9.11 -14.71 -8.59
C THR A 53 -8.25 -13.81 -9.45
N ILE A 54 -7.30 -14.41 -10.17
CA ILE A 54 -6.34 -13.69 -11.00
C ILE A 54 -6.52 -14.01 -12.47
N GLY A 55 -6.63 -12.98 -13.28
CA GLY A 55 -6.68 -13.13 -14.75
C GLY A 55 -5.35 -12.77 -15.39
N LEU A 56 -4.82 -13.67 -16.20
CA LEU A 56 -3.52 -13.46 -16.87
C LEU A 56 -3.77 -13.38 -18.36
N THR A 57 -3.61 -12.17 -18.93
CA THR A 57 -3.73 -11.96 -20.36
C THR A 57 -2.35 -12.19 -21.01
N VAL A 58 -2.41 -12.62 -22.29
CA VAL A 58 -1.20 -12.94 -23.05
C VAL A 58 -1.60 -12.93 -24.54
N PHE A 59 -0.71 -12.40 -25.37
CA PHE A 59 -1.00 -12.28 -26.79
C PHE A 59 -0.12 -13.20 -27.64
N ALA A 60 -0.77 -14.08 -28.37
CA ALA A 60 -0.08 -14.99 -29.24
C ALA A 60 -0.50 -14.76 -30.71
N ILE A 61 -0.05 -13.64 -31.27
CA ILE A 61 -0.38 -13.22 -32.59
C ILE A 61 0.63 -13.75 -33.61
N LYS A 62 0.12 -14.27 -34.71
CA LYS A 62 0.92 -14.83 -35.80
C LYS A 62 1.92 -15.90 -35.33
N LYS A 63 3.22 -15.62 -35.54
CA LYS A 63 4.26 -16.62 -35.30
C LYS A 63 4.63 -16.73 -33.81
N TYR A 64 4.21 -15.75 -33.00
CA TYR A 64 4.45 -15.78 -31.55
C TYR A 64 3.62 -16.82 -30.81
N VAL A 65 2.82 -17.61 -31.52
CA VAL A 65 2.10 -18.75 -30.94
C VAL A 65 3.04 -19.85 -30.51
N ALA A 66 4.26 -19.82 -31.03
CA ALA A 66 5.26 -20.87 -30.73
C ALA A 66 5.75 -20.76 -29.28
N PHE A 67 5.66 -19.54 -28.70
CA PHE A 67 6.09 -19.26 -27.33
C PHE A 67 5.11 -19.79 -26.26
N LEU A 68 3.86 -20.06 -26.67
CA LEU A 68 2.77 -20.35 -25.73
C LEU A 68 3.07 -21.55 -24.86
N LYS A 69 3.66 -22.59 -25.49
CA LYS A 69 3.90 -23.85 -24.84
C LYS A 69 4.74 -23.74 -23.56
N LEU A 70 5.88 -23.14 -23.70
CA LEU A 70 6.83 -22.93 -22.63
C LEU A 70 6.26 -21.97 -21.64
N PHE A 71 5.57 -20.91 -22.14
CA PHE A 71 4.96 -19.89 -21.30
C PHE A 71 3.98 -20.50 -20.35
N LEU A 72 2.99 -21.24 -20.90
CA LEU A 72 1.93 -21.79 -20.07
C LEU A 72 2.44 -22.89 -19.11
N GLU A 73 3.26 -23.79 -19.63
CA GLU A 73 3.84 -24.88 -18.83
C GLU A 73 4.69 -24.41 -17.64
N THR A 74 5.44 -23.31 -17.83
CA THR A 74 6.21 -22.73 -16.74
C THR A 74 5.33 -21.91 -15.77
N ALA A 75 4.23 -21.35 -16.30
CA ALA A 75 3.25 -20.63 -15.47
C ALA A 75 2.60 -21.57 -14.49
N GLU A 76 2.31 -22.78 -14.92
CA GLU A 76 1.71 -23.81 -14.07
C GLU A 76 2.57 -24.20 -12.89
N LYS A 77 3.90 -24.02 -13.04
CA LYS A 77 4.87 -24.35 -11.98
C LYS A 77 5.09 -23.21 -11.00
N HIS A 78 5.05 -21.97 -11.47
CA HIS A 78 5.48 -20.78 -10.68
C HIS A 78 4.50 -19.61 -10.56
N PHE A 79 3.53 -19.49 -11.44
CA PHE A 79 2.57 -18.37 -11.43
C PHE A 79 1.37 -18.62 -10.54
N MET A 80 1.27 -17.87 -9.44
CA MET A 80 0.08 -17.83 -8.56
C MET A 80 -0.41 -19.23 -8.12
N VAL A 81 0.54 -20.12 -7.82
CA VAL A 81 0.21 -21.48 -7.41
C VAL A 81 -0.53 -21.54 -6.07
N GLY A 82 -1.77 -22.06 -6.12
CA GLY A 82 -2.66 -22.16 -4.99
C GLY A 82 -3.84 -21.25 -4.99
N HIS A 83 -3.83 -20.28 -5.91
CA HIS A 83 -4.94 -19.36 -6.08
C HIS A 83 -5.68 -19.60 -7.38
N ARG A 84 -6.94 -19.11 -7.45
CA ARG A 84 -7.80 -19.24 -8.63
C ARG A 84 -7.27 -18.40 -9.75
N VAL A 85 -6.92 -19.02 -10.86
CA VAL A 85 -6.30 -18.35 -12.00
C VAL A 85 -7.07 -18.62 -13.27
N HIS A 86 -7.13 -17.61 -14.13
CA HIS A 86 -7.72 -17.78 -15.44
C HIS A 86 -6.80 -17.22 -16.52
N TYR A 87 -6.41 -18.07 -17.47
CA TYR A 87 -5.59 -17.63 -18.57
C TYR A 87 -6.41 -17.10 -19.71
N TYR A 88 -6.00 -15.97 -20.26
CA TYR A 88 -6.63 -15.40 -21.42
C TYR A 88 -5.62 -15.27 -22.51
N VAL A 89 -5.71 -16.16 -23.49
CA VAL A 89 -4.83 -16.17 -24.64
C VAL A 89 -5.46 -15.50 -25.83
N PHE A 90 -4.94 -14.35 -26.24
CA PHE A 90 -5.44 -13.64 -27.40
C PHE A 90 -4.62 -14.03 -28.64
N THR A 91 -5.26 -14.70 -29.60
CA THR A 91 -4.58 -15.14 -30.82
C THR A 91 -5.43 -14.93 -32.09
N ASP A 92 -4.75 -14.95 -33.23
CA ASP A 92 -5.38 -14.94 -34.54
C ASP A 92 -5.49 -16.35 -35.08
N GLN A 93 -5.01 -17.32 -34.28
CA GLN A 93 -4.98 -18.74 -34.66
C GLN A 93 -5.46 -19.63 -33.52
N LEU A 94 -6.77 -19.92 -33.51
CA LEU A 94 -7.35 -20.75 -32.43
C LEU A 94 -6.92 -22.23 -32.43
N ALA A 95 -6.36 -22.69 -33.54
CA ALA A 95 -5.88 -24.05 -33.67
C ALA A 95 -4.38 -24.19 -33.37
N ALA A 96 -3.76 -23.10 -32.90
CA ALA A 96 -2.33 -23.09 -32.66
C ALA A 96 -2.01 -23.13 -31.17
N VAL A 97 -3.05 -23.01 -30.34
CA VAL A 97 -2.93 -23.06 -28.89
C VAL A 97 -2.63 -24.50 -28.43
N PRO A 98 -1.49 -24.71 -27.74
CA PRO A 98 -1.07 -26.03 -27.33
C PRO A 98 -1.88 -26.55 -26.14
N ARG A 99 -2.06 -27.83 -26.11
CA ARG A 99 -2.85 -28.48 -25.07
C ARG A 99 -2.00 -28.60 -23.81
N VAL A 100 -2.23 -27.68 -22.89
CA VAL A 100 -1.45 -27.62 -21.67
C VAL A 100 -2.31 -28.01 -20.49
N THR A 101 -1.80 -28.95 -19.72
CA THR A 101 -2.47 -29.47 -18.52
C THR A 101 -2.37 -28.45 -17.41
N LEU A 102 -3.50 -28.18 -16.79
CA LEU A 102 -3.62 -27.14 -15.76
C LEU A 102 -3.86 -27.80 -14.40
N GLY A 103 -3.46 -27.10 -13.35
CA GLY A 103 -3.80 -27.49 -12.00
C GLY A 103 -5.22 -27.18 -11.67
N THR A 104 -5.69 -27.67 -10.52
CA THR A 104 -7.10 -27.49 -10.12
C THR A 104 -7.42 -26.02 -9.91
N GLY A 105 -8.66 -25.63 -10.17
CA GLY A 105 -9.07 -24.25 -9.98
C GLY A 105 -8.42 -23.27 -10.95
N ARG A 106 -7.97 -23.77 -12.11
CA ARG A 106 -7.28 -22.96 -13.09
C ARG A 106 -7.94 -23.16 -14.45
N GLN A 107 -8.15 -22.06 -15.14
CA GLN A 107 -8.87 -22.10 -16.43
C GLN A 107 -8.06 -21.45 -17.54
N LEU A 108 -8.46 -21.72 -18.77
CA LEU A 108 -7.90 -21.08 -19.95
C LEU A 108 -9.00 -20.81 -20.97
N SER A 109 -9.05 -19.58 -21.45
CA SER A 109 -9.91 -19.21 -22.51
C SER A 109 -9.08 -18.60 -23.69
N VAL A 110 -9.46 -18.98 -24.90
CA VAL A 110 -8.86 -18.48 -26.12
C VAL A 110 -9.84 -17.48 -26.72
N LEU A 111 -9.37 -16.28 -26.92
CA LEU A 111 -10.11 -15.27 -27.60
C LEU A 111 -9.46 -14.99 -28.94
N GLU A 112 -10.32 -14.93 -29.95
CA GLU A 112 -9.94 -14.59 -31.31
C GLU A 112 -9.86 -13.07 -31.48
N VAL A 113 -8.74 -12.64 -32.07
CA VAL A 113 -8.48 -11.26 -32.39
C VAL A 113 -7.79 -11.19 -33.78
N ARG A 114 -7.83 -10.03 -34.45
CA ARG A 114 -7.15 -9.85 -35.72
C ARG A 114 -5.65 -9.79 -35.57
N ALA A 115 -4.95 -9.89 -36.68
CA ALA A 115 -3.52 -9.76 -36.71
C ALA A 115 -3.12 -8.59 -37.64
N TYR A 116 -2.85 -7.45 -37.05
CA TYR A 116 -2.19 -6.32 -37.69
C TYR A 116 -0.86 -6.75 -38.25
N LYS A 117 -0.54 -6.21 -39.42
CA LYS A 117 0.58 -6.63 -40.22
C LYS A 117 1.89 -6.26 -39.52
N ARG A 118 2.03 -5.00 -39.09
CA ARG A 118 3.25 -4.53 -38.46
C ARG A 118 3.29 -4.96 -36.99
N TRP A 119 4.49 -5.35 -36.53
CA TRP A 119 4.66 -5.87 -35.16
C TRP A 119 4.41 -4.81 -34.10
N GLN A 120 4.72 -3.56 -34.45
CA GLN A 120 4.50 -2.40 -33.60
C GLN A 120 2.99 -2.22 -33.35
N ASP A 121 2.19 -2.40 -34.39
CA ASP A 121 0.73 -2.35 -34.23
C ASP A 121 0.19 -3.53 -33.45
N VAL A 122 0.77 -4.73 -33.66
CA VAL A 122 0.43 -5.93 -32.87
C VAL A 122 0.58 -5.63 -31.36
N SER A 123 1.75 -5.08 -31.00
CA SER A 123 2.09 -4.74 -29.61
C SER A 123 1.25 -3.60 -29.08
N MET A 124 1.08 -2.55 -29.87
CA MET A 124 0.33 -1.34 -29.45
C MET A 124 -1.16 -1.61 -29.30
N ARG A 125 -1.70 -2.47 -30.13
CA ARG A 125 -3.14 -2.76 -30.14
C ARG A 125 -3.60 -3.71 -29.01
N ARG A 126 -2.66 -4.16 -28.20
CA ARG A 126 -2.99 -4.94 -26.99
C ARG A 126 -3.84 -4.17 -25.99
N MET A 127 -3.52 -2.89 -25.83
CA MET A 127 -4.26 -1.96 -24.95
C MET A 127 -5.79 -1.87 -25.29
N GLU A 128 -6.11 -1.74 -26.56
CA GLU A 128 -7.49 -1.72 -27.01
C GLU A 128 -8.15 -3.11 -26.82
N MET A 129 -7.43 -4.17 -27.19
CA MET A 129 -7.94 -5.51 -27.09
C MET A 129 -8.21 -5.93 -25.64
N ILE A 130 -7.30 -5.62 -24.73
CA ILE A 130 -7.48 -5.88 -23.31
C ILE A 130 -8.67 -5.09 -22.81
N SER A 131 -8.81 -3.84 -23.26
CA SER A 131 -9.89 -2.98 -22.76
C SER A 131 -11.28 -3.45 -23.26
N ASP A 132 -11.38 -3.73 -24.55
CA ASP A 132 -12.60 -4.27 -25.12
C ASP A 132 -12.99 -5.58 -24.45
N PHE A 133 -11.97 -6.38 -24.10
CA PHE A 133 -12.13 -7.59 -23.31
C PHE A 133 -12.65 -7.29 -21.90
N CYS A 134 -12.05 -6.31 -21.24
CA CYS A 134 -12.48 -5.85 -19.91
C CYS A 134 -13.91 -5.31 -19.87
N GLU A 135 -14.31 -4.63 -20.92
CA GLU A 135 -15.65 -4.04 -20.98
C GLU A 135 -16.69 -5.08 -21.27
N ARG A 136 -16.30 -6.09 -22.06
CA ARG A 136 -17.23 -7.12 -22.49
C ARG A 136 -17.84 -7.86 -21.28
N ARG A 137 -16.98 -8.18 -20.33
CA ARG A 137 -17.35 -8.94 -19.14
C ARG A 137 -16.70 -8.19 -17.98
N PHE A 138 -17.31 -7.06 -17.62
CA PHE A 138 -16.81 -6.10 -16.60
C PHE A 138 -15.63 -6.54 -15.69
N LEU A 139 -15.94 -6.81 -14.41
CA LEU A 139 -15.09 -7.52 -13.49
C LEU A 139 -15.82 -8.81 -13.20
N SER A 140 -16.43 -9.39 -14.24
CA SER A 140 -17.27 -10.58 -14.11
C SER A 140 -16.54 -11.85 -13.64
N GLU A 141 -15.26 -11.99 -14.02
CA GLU A 141 -14.58 -13.30 -13.88
C GLU A 141 -13.35 -13.28 -12.95
N VAL A 142 -12.70 -12.13 -12.79
CA VAL A 142 -11.46 -12.02 -12.00
C VAL A 142 -11.42 -10.78 -11.14
N ASP A 143 -10.51 -10.78 -10.14
CA ASP A 143 -10.34 -9.67 -9.20
C ASP A 143 -9.16 -8.78 -9.60
N TYR A 144 -8.19 -9.40 -10.27
CA TYR A 144 -7.01 -8.72 -10.77
C TYR A 144 -6.67 -9.17 -12.19
N LEU A 145 -6.17 -8.24 -12.99
CA LEU A 145 -5.64 -8.56 -14.33
C LEU A 145 -4.15 -8.37 -14.38
N VAL A 146 -3.44 -9.38 -14.86
CA VAL A 146 -2.00 -9.29 -15.10
C VAL A 146 -1.77 -9.39 -16.62
N CYS A 147 -0.96 -8.49 -17.15
CA CYS A 147 -0.80 -8.33 -18.60
C CYS A 147 0.66 -8.43 -19.02
N VAL A 148 0.99 -9.55 -19.70
CA VAL A 148 2.39 -9.92 -19.96
C VAL A 148 2.66 -10.32 -21.40
N ASP A 149 3.89 -10.02 -21.86
CA ASP A 149 4.48 -10.52 -23.11
C ASP A 149 4.50 -12.04 -23.10
N VAL A 150 4.57 -12.64 -24.27
CA VAL A 150 4.52 -14.11 -24.42
C VAL A 150 5.92 -14.70 -24.61
N ASP A 151 6.87 -13.90 -25.12
CA ASP A 151 8.23 -14.38 -25.41
C ASP A 151 9.00 -14.56 -24.10
N MET A 152 8.44 -15.40 -23.21
CA MET A 152 8.82 -15.44 -21.81
C MET A 152 8.70 -16.85 -21.25
N GLU A 153 9.34 -17.06 -20.11
CA GLU A 153 9.21 -18.26 -19.31
C GLU A 153 9.46 -17.95 -17.82
N PHE A 154 8.61 -18.50 -16.97
CA PHE A 154 8.81 -18.40 -15.51
C PHE A 154 9.89 -19.36 -15.07
N ARG A 155 10.82 -18.86 -14.26
CA ARG A 155 11.91 -19.66 -13.71
C ARG A 155 11.93 -19.72 -12.18
N ASP A 156 11.00 -18.99 -11.56
CA ASP A 156 10.91 -18.91 -10.11
C ASP A 156 9.59 -18.23 -9.68
N HIS A 157 9.34 -18.22 -8.38
CA HIS A 157 8.05 -17.77 -7.81
C HIS A 157 7.54 -16.43 -8.33
N VAL A 158 6.31 -16.39 -8.81
CA VAL A 158 5.60 -15.14 -9.11
C VAL A 158 4.16 -15.27 -8.57
N GLY A 159 3.93 -14.73 -7.37
CA GLY A 159 2.64 -14.92 -6.65
C GLY A 159 1.97 -13.63 -6.22
N VAL A 160 1.10 -13.75 -5.20
CA VAL A 160 0.20 -12.67 -4.77
C VAL A 160 0.89 -11.45 -4.19
N GLU A 161 2.22 -11.49 -4.07
CA GLU A 161 3.03 -10.32 -3.66
C GLU A 161 2.97 -9.22 -4.70
N ILE A 162 2.62 -9.57 -5.94
CA ILE A 162 2.47 -8.59 -7.02
C ILE A 162 1.09 -7.85 -7.00
N LEU A 163 0.12 -8.42 -6.28
CA LEU A 163 -1.28 -7.93 -6.36
C LEU A 163 -1.53 -6.67 -5.54
N THR A 164 -2.18 -5.69 -6.18
CA THR A 164 -2.43 -4.36 -5.65
C THR A 164 -3.44 -3.67 -6.63
N PRO A 165 -3.92 -2.47 -6.29
CA PRO A 165 -4.71 -1.69 -7.21
C PRO A 165 -4.10 -1.47 -8.60
N LEU A 166 -2.87 -1.16 -8.64
CA LEU A 166 -2.14 -0.86 -9.85
C LEU A 166 -0.57 -1.02 -9.69
N PHE A 167 0.00 -1.88 -10.52
CA PHE A 167 1.45 -2.10 -10.53
C PHE A 167 2.11 -1.92 -11.89
N GLY A 168 3.41 -1.71 -11.86
CA GLY A 168 4.25 -1.70 -13.02
C GLY A 168 5.58 -2.36 -12.74
N THR A 169 6.39 -2.52 -13.78
CA THR A 169 7.64 -3.29 -13.64
C THR A 169 8.84 -2.46 -14.12
N LEU A 170 9.91 -2.51 -13.35
CA LEU A 170 11.14 -1.81 -13.68
C LEU A 170 11.85 -2.49 -14.82
N HIS A 171 12.10 -1.72 -15.89
CA HIS A 171 12.74 -2.25 -17.07
C HIS A 171 14.18 -2.71 -16.62
N PRO A 172 14.56 -3.92 -17.05
CA PRO A 172 15.84 -4.53 -16.70
C PRO A 172 17.09 -3.79 -17.12
N GLY A 173 17.02 -3.07 -18.22
CA GLY A 173 18.19 -2.35 -18.73
C GLY A 173 18.27 -0.87 -18.42
N PHE A 174 17.60 -0.46 -17.34
CA PHE A 174 17.48 0.93 -17.01
C PHE A 174 17.42 1.14 -15.51
N TYR A 175 17.17 0.07 -14.73
CA TYR A 175 16.91 0.19 -13.28
C TYR A 175 17.99 0.99 -12.58
N GLY A 176 19.22 0.92 -13.06
CA GLY A 176 20.30 1.73 -12.49
C GLY A 176 20.48 3.12 -13.06
N SER A 177 19.81 3.41 -14.16
CA SER A 177 20.06 4.65 -14.91
C SER A 177 19.49 5.91 -14.23
N SER A 178 19.81 7.08 -14.80
CA SER A 178 19.28 8.36 -14.39
C SER A 178 18.24 8.79 -15.40
N ARG A 179 17.27 9.60 -14.93
CA ARG A 179 16.04 9.86 -15.71
C ARG A 179 16.25 10.44 -17.13
N GLU A 180 17.29 11.25 -17.32
CA GLU A 180 17.55 11.83 -18.64
C GLU A 180 17.84 10.77 -19.69
N ALA A 181 18.44 9.66 -19.28
CA ALA A 181 18.76 8.55 -20.18
C ALA A 181 17.56 7.64 -20.54
N PHE A 182 16.51 7.67 -19.71
CA PHE A 182 15.26 6.90 -19.98
C PHE A 182 14.77 7.22 -21.37
N THR A 183 14.39 6.20 -22.12
CA THR A 183 13.95 6.31 -23.49
C THR A 183 12.42 6.56 -23.58
N TYR A 184 11.94 7.52 -22.78
CA TYR A 184 10.59 8.02 -22.91
C TYR A 184 10.43 8.67 -24.29
N GLU A 185 9.18 8.94 -24.66
CA GLU A 185 8.89 9.74 -25.83
C GLU A 185 9.30 11.16 -25.52
N ARG A 186 10.22 11.70 -26.33
CA ARG A 186 10.78 13.02 -26.04
C ARG A 186 10.20 14.18 -26.91
N ARG A 187 9.32 13.86 -27.87
CA ARG A 187 8.74 14.87 -28.75
C ARG A 187 7.45 15.42 -28.16
N PRO A 188 7.38 16.74 -27.92
CA PRO A 188 6.22 17.40 -27.34
C PRO A 188 4.90 17.18 -28.05
N GLN A 189 4.96 16.79 -29.32
CA GLN A 189 3.78 16.58 -30.15
C GLN A 189 3.09 15.27 -29.86
N SER A 190 3.78 14.33 -29.23
CA SER A 190 3.18 13.06 -28.77
C SER A 190 2.55 13.14 -27.38
N GLN A 191 1.51 12.34 -27.16
CA GLN A 191 0.83 12.31 -25.84
C GLN A 191 1.71 11.69 -24.76
N ALA A 192 2.56 10.76 -25.17
CA ALA A 192 3.46 10.04 -24.26
C ALA A 192 4.67 10.88 -23.85
N TYR A 193 4.73 12.13 -24.35
CA TYR A 193 5.83 13.03 -24.10
C TYR A 193 6.13 13.20 -22.62
N ILE A 194 7.40 12.95 -22.26
CA ILE A 194 7.90 13.22 -20.93
C ILE A 194 9.27 13.93 -21.06
N PRO A 195 9.35 15.19 -20.65
CA PRO A 195 10.61 15.95 -20.70
C PRO A 195 11.74 15.41 -19.79
N LYS A 196 12.95 15.86 -20.01
CA LYS A 196 14.17 15.37 -19.31
C LYS A 196 14.14 15.48 -17.78
N ASP A 197 13.42 16.46 -17.24
CA ASP A 197 13.42 16.64 -15.78
C ASP A 197 12.16 16.05 -15.08
N GLU A 198 11.45 15.18 -15.78
CA GLU A 198 10.36 14.39 -15.15
C GLU A 198 10.62 12.89 -15.32
N GLY A 199 9.93 12.11 -14.51
CA GLY A 199 10.06 10.68 -14.51
C GLY A 199 10.52 10.16 -13.17
N ASP A 200 9.93 9.05 -12.73
CA ASP A 200 10.38 8.40 -11.50
C ASP A 200 11.19 7.14 -11.89
N PHE A 201 10.56 6.32 -12.74
CA PHE A 201 11.11 5.05 -13.18
C PHE A 201 10.85 4.82 -14.67
N TYR A 202 11.61 3.91 -15.28
CA TYR A 202 11.29 3.44 -16.61
C TYR A 202 10.66 2.06 -16.54
N TYR A 203 9.37 2.01 -16.85
CA TYR A 203 8.58 0.81 -16.68
C TYR A 203 8.58 -0.07 -17.93
N LEU A 204 8.10 -1.30 -17.80
CA LEU A 204 8.01 -2.22 -18.94
C LEU A 204 6.61 -2.29 -19.51
N GLY A 205 6.52 -2.33 -20.84
CA GLY A 205 5.25 -2.57 -21.47
C GLY A 205 4.81 -4.03 -21.46
N GLY A 206 5.72 -4.91 -21.08
CA GLY A 206 5.48 -6.36 -21.11
C GLY A 206 5.08 -6.99 -19.78
N PHE A 207 4.88 -6.18 -18.76
CA PHE A 207 4.47 -6.65 -17.43
C PHE A 207 3.90 -5.48 -16.62
N PHE A 208 2.58 -5.43 -16.56
CA PHE A 208 1.83 -4.52 -15.77
C PHE A 208 0.50 -5.14 -15.38
N GLY A 209 -0.20 -4.51 -14.44
CA GLY A 209 -1.53 -4.98 -14.03
C GLY A 209 -2.11 -4.16 -12.91
N GLY A 210 -2.90 -4.86 -12.09
CA GLY A 210 -3.65 -4.21 -11.03
C GLY A 210 -5.03 -4.78 -10.91
N SER A 211 -5.92 -4.03 -10.24
CA SER A 211 -7.33 -4.47 -10.13
C SER A 211 -8.01 -4.28 -11.48
N VAL A 212 -9.12 -5.01 -11.68
CA VAL A 212 -9.87 -4.95 -12.95
C VAL A 212 -10.30 -3.53 -13.32
N GLN A 213 -10.77 -2.80 -12.34
CA GLN A 213 -11.16 -1.40 -12.54
C GLN A 213 -9.98 -0.54 -12.97
N GLU A 214 -8.82 -0.79 -12.38
CA GLU A 214 -7.62 0.03 -12.66
C GLU A 214 -6.92 -0.33 -13.99
N VAL A 215 -6.90 -1.61 -14.33
CA VAL A 215 -6.29 -2.07 -15.57
C VAL A 215 -7.06 -1.58 -16.78
N GLN A 216 -8.37 -1.72 -16.72
CA GLN A 216 -9.27 -1.25 -17.79
C GLN A 216 -9.17 0.28 -17.97
N ARG A 217 -9.01 0.97 -16.86
CA ARG A 217 -8.73 2.41 -16.84
C ARG A 217 -7.43 2.72 -17.56
N LEU A 218 -6.39 1.90 -17.29
CA LEU A 218 -5.07 2.13 -17.85
C LEU A 218 -5.03 1.88 -19.36
N THR A 219 -5.47 0.69 -19.76
CA THR A 219 -5.41 0.27 -21.14
C THR A 219 -6.25 1.17 -22.08
N ARG A 220 -7.45 1.52 -21.64
CA ARG A 220 -8.34 2.42 -22.34
C ARG A 220 -7.63 3.77 -22.57
N ALA A 221 -7.21 4.43 -21.49
CA ALA A 221 -6.47 5.69 -21.63
C ALA A 221 -5.27 5.60 -22.58
N CYS A 222 -4.55 4.46 -22.53
CA CYS A 222 -3.38 4.24 -23.39
C CYS A 222 -3.77 4.14 -24.87
N HIS A 223 -4.81 3.37 -25.15
CA HIS A 223 -5.40 3.27 -26.48
C HIS A 223 -5.85 4.62 -27.04
N GLN A 224 -6.53 5.41 -26.22
CA GLN A 224 -7.00 6.71 -26.66
C GLN A 224 -5.88 7.63 -27.00
N ALA A 225 -4.83 7.63 -26.16
CA ALA A 225 -3.62 8.41 -26.41
C ALA A 225 -2.93 8.04 -27.72
N MET A 226 -2.99 6.77 -28.07
CA MET A 226 -2.42 6.27 -29.30
C MET A 226 -3.19 6.68 -30.55
N MET A 227 -4.53 6.67 -30.45
CA MET A 227 -5.40 7.11 -31.53
C MET A 227 -5.17 8.57 -31.87
N VAL A 228 -5.08 9.41 -30.84
CA VAL A 228 -4.73 10.81 -30.99
C VAL A 228 -3.37 11.00 -31.72
N ASP A 229 -2.37 10.17 -31.37
CA ASP A 229 -1.08 10.24 -32.01
C ASP A 229 -1.12 9.83 -33.48
N GLN A 230 -1.86 8.74 -33.77
CA GLN A 230 -1.97 8.23 -35.14
C GLN A 230 -2.72 9.22 -36.04
N ALA A 231 -3.67 9.95 -35.46
CA ALA A 231 -4.35 11.02 -36.14
C ALA A 231 -3.39 12.19 -36.43
N ASN A 232 -2.47 12.46 -35.51
CA ASN A 232 -1.45 13.49 -35.67
C ASN A 232 -0.25 13.07 -36.54
N GLY A 233 -0.23 11.82 -37.00
CA GLY A 233 0.85 11.35 -37.85
C GLY A 233 2.13 11.04 -37.10
N ILE A 234 2.02 10.61 -35.85
CA ILE A 234 3.16 10.29 -35.01
C ILE A 234 2.98 8.94 -34.28
N GLU A 235 4.06 8.17 -34.21
CA GLU A 235 4.12 6.92 -33.49
C GLU A 235 5.25 6.98 -32.45
N ALA A 236 4.87 6.80 -31.17
CA ALA A 236 5.78 6.89 -30.04
C ALA A 236 7.01 5.98 -30.17
N VAL A 237 8.17 6.48 -29.76
CA VAL A 237 9.48 5.82 -29.96
C VAL A 237 9.52 4.37 -29.55
N TRP A 238 8.79 4.03 -28.49
CA TRP A 238 8.71 2.68 -27.98
C TRP A 238 7.24 2.28 -27.68
N HIS A 239 6.35 2.82 -28.49
CA HIS A 239 4.99 2.31 -28.68
C HIS A 239 4.16 2.25 -27.38
N ASP A 240 3.55 1.14 -27.08
CA ASP A 240 2.65 1.03 -25.89
C ASP A 240 3.45 1.28 -24.61
N GLU A 241 4.68 0.77 -24.57
CA GLU A 241 5.60 1.02 -23.46
C GLU A 241 5.76 2.50 -23.10
N SER A 242 5.81 3.35 -24.12
CA SER A 242 5.93 4.76 -23.95
C SER A 242 4.67 5.34 -23.31
N HIS A 243 3.51 4.98 -23.85
CA HIS A 243 2.23 5.47 -23.35
C HIS A 243 1.96 5.02 -21.93
N LEU A 244 2.39 3.79 -21.62
CA LEU A 244 2.31 3.26 -20.28
C LEU A 244 3.13 4.11 -19.30
N ASN A 245 4.39 4.39 -19.68
CA ASN A 245 5.28 5.18 -18.86
C ASN A 245 4.75 6.58 -18.58
N LYS A 246 4.05 7.16 -19.54
CA LYS A 246 3.35 8.42 -19.36
C LYS A 246 2.22 8.23 -18.36
N TYR A 247 1.47 7.14 -18.48
CA TYR A 247 0.30 6.88 -17.61
C TYR A 247 0.70 6.65 -16.17
N LEU A 248 1.80 5.94 -15.94
CA LEU A 248 2.25 5.61 -14.56
C LEU A 248 2.97 6.75 -13.91
N LEU A 249 3.53 7.64 -14.72
CA LEU A 249 4.10 8.91 -14.21
C LEU A 249 2.99 9.80 -13.65
N ARG A 250 1.87 9.87 -14.35
CA ARG A 250 0.75 10.73 -13.94
C ARG A 250 -0.20 10.04 -12.95
N HIS A 251 -0.24 8.71 -12.96
CA HIS A 251 -1.00 7.89 -12.00
C HIS A 251 -0.08 6.86 -11.35
N LYS A 252 0.53 7.25 -10.24
CA LYS A 252 1.57 6.45 -9.59
C LYS A 252 1.05 5.03 -9.28
N PRO A 253 1.90 4.01 -9.50
CA PRO A 253 1.49 2.66 -9.22
C PRO A 253 1.48 2.41 -7.70
N THR A 254 0.56 1.57 -7.23
CA THR A 254 0.50 1.25 -5.79
C THR A 254 1.51 0.15 -5.37
N LYS A 255 2.04 -0.57 -6.33
CA LYS A 255 3.19 -1.43 -6.15
C LYS A 255 4.13 -1.33 -7.36
N VAL A 256 5.42 -1.48 -7.11
CA VAL A 256 6.42 -1.54 -8.20
C VAL A 256 7.17 -2.85 -8.12
N LEU A 257 7.19 -3.60 -9.23
CA LEU A 257 7.93 -4.86 -9.27
C LEU A 257 9.39 -4.60 -9.71
N SER A 258 10.33 -5.13 -8.96
CA SER A 258 11.72 -5.11 -9.28
C SER A 258 12.05 -5.89 -10.54
N PRO A 259 13.19 -5.57 -11.21
CA PRO A 259 13.68 -6.27 -12.37
C PRO A 259 13.66 -7.83 -12.26
N GLU A 260 13.61 -8.35 -11.02
CA GLU A 260 13.37 -9.77 -10.78
C GLU A 260 12.22 -10.28 -11.63
N TYR A 261 11.21 -9.44 -11.85
CA TYR A 261 9.94 -9.91 -12.46
C TYR A 261 9.91 -9.78 -14.02
N LEU A 262 10.96 -9.23 -14.61
CA LEU A 262 11.19 -9.35 -16.04
C LEU A 262 12.66 -9.07 -16.39
N TRP A 263 13.39 -10.13 -16.68
CA TRP A 263 14.84 -10.03 -16.93
C TRP A 263 15.22 -10.73 -18.22
N ASP A 264 16.35 -10.32 -18.78
CA ASP A 264 16.97 -11.01 -19.90
C ASP A 264 18.35 -11.46 -19.44
N GLN A 265 18.51 -12.78 -19.28
CA GLN A 265 19.73 -13.33 -18.83
C GLN A 265 20.83 -13.35 -19.90
N GLN A 266 20.42 -13.58 -21.15
CA GLN A 266 21.36 -13.58 -22.30
C GLN A 266 21.96 -12.21 -22.58
N LEU A 267 21.16 -11.18 -22.40
CA LEU A 267 21.59 -9.80 -22.62
C LEU A 267 22.28 -9.16 -21.42
N LEU A 268 21.83 -9.48 -20.21
CA LEU A 268 22.21 -8.73 -18.99
C LEU A 268 22.75 -9.57 -17.83
N GLY A 269 22.80 -10.89 -17.97
CA GLY A 269 23.44 -11.75 -16.98
C GLY A 269 22.57 -11.97 -15.72
N TRP A 270 23.24 -12.03 -14.57
CA TRP A 270 22.63 -12.24 -13.27
C TRP A 270 23.41 -11.48 -12.22
N PRO A 271 23.10 -10.17 -12.05
CA PRO A 271 23.77 -9.33 -11.06
C PRO A 271 23.46 -9.71 -9.62
N ALA A 272 24.37 -9.40 -8.72
CA ALA A 272 24.26 -9.71 -7.31
C ALA A 272 23.00 -9.15 -6.67
N VAL A 273 22.53 -7.99 -7.16
CA VAL A 273 21.31 -7.38 -6.60
C VAL A 273 20.01 -8.17 -6.84
N LEU A 274 20.03 -9.07 -7.80
CA LEU A 274 18.88 -9.91 -8.11
C LEU A 274 19.03 -11.32 -7.56
N ARG A 275 18.46 -11.55 -6.38
CA ARG A 275 18.57 -12.85 -5.70
C ARG A 275 17.82 -13.95 -6.47
N LYS A 276 16.75 -13.59 -7.16
CA LYS A 276 16.00 -14.49 -8.00
C LYS A 276 15.79 -13.92 -9.40
N LEU A 277 15.55 -14.81 -10.35
CA LEU A 277 15.07 -14.45 -11.70
C LEU A 277 13.79 -15.16 -11.96
N ARG A 278 12.70 -14.48 -11.67
CA ARG A 278 11.35 -15.10 -11.67
C ARG A 278 10.78 -15.28 -13.09
N PHE A 279 10.95 -14.26 -13.94
CA PHE A 279 10.27 -14.21 -15.21
C PHE A 279 11.22 -13.61 -16.27
N THR A 280 11.66 -14.46 -17.19
CA THR A 280 12.72 -14.08 -18.11
C THR A 280 12.35 -14.29 -19.58
N ALA A 281 12.86 -13.39 -20.40
CA ALA A 281 12.66 -13.46 -21.84
C ALA A 281 13.23 -14.73 -22.45
N VAL A 282 12.48 -15.28 -23.42
CA VAL A 282 13.01 -16.34 -24.28
C VAL A 282 13.74 -15.67 -25.45
N PRO A 283 15.07 -15.87 -25.57
CA PRO A 283 15.90 -15.35 -26.67
C PRO A 283 15.28 -15.61 -28.01
N LYS A 284 15.10 -14.54 -28.79
CA LYS A 284 14.45 -14.66 -30.10
C LYS A 284 15.19 -13.88 -31.19
N ASN A 285 14.90 -14.18 -32.45
CA ASN A 285 15.42 -13.45 -33.60
C ASN A 285 14.35 -12.47 -34.02
N HIS A 286 14.64 -11.19 -33.78
CA HIS A 286 13.65 -10.11 -33.82
C HIS A 286 13.08 -9.86 -35.24
N GLN A 287 13.94 -9.87 -36.25
CA GLN A 287 13.52 -9.63 -37.64
C GLN A 287 12.63 -10.75 -38.16
N ALA A 288 13.02 -12.01 -37.93
CA ALA A 288 12.35 -13.17 -38.51
C ALA A 288 11.01 -13.49 -37.88
N VAL A 289 10.96 -13.51 -36.56
CA VAL A 289 9.73 -13.90 -35.82
C VAL A 289 8.64 -12.83 -35.97
N ARG A 290 9.05 -11.55 -36.07
CA ARG A 290 8.11 -10.42 -36.25
C ARG A 290 7.68 -10.29 -37.71
N ASN A 291 8.48 -10.87 -38.63
CA ASN A 291 8.22 -10.91 -40.07
C ASN A 291 8.02 -9.52 -40.70
N VAL B 2 -7.71 10.41 -11.51
CA VAL B 2 -7.48 11.89 -11.75
C VAL B 2 -5.95 12.01 -11.88
N SER B 3 -5.53 12.74 -12.91
CA SER B 3 -4.14 12.82 -13.30
C SER B 3 -3.39 13.90 -12.52
N LEU B 4 -2.18 13.55 -12.07
CA LEU B 4 -1.26 14.51 -11.42
C LEU B 4 -0.67 15.45 -12.50
N PRO B 5 -0.49 16.73 -12.15
CA PRO B 5 0.12 17.68 -13.07
C PRO B 5 1.62 17.52 -13.10
N ARG B 6 2.29 18.21 -14.01
CA ARG B 6 3.77 18.19 -14.06
C ARG B 6 4.38 18.54 -12.69
N MET B 7 5.23 17.69 -12.16
CA MET B 7 5.98 18.01 -10.94
C MET B 7 7.46 17.76 -11.12
N VAL B 8 8.27 18.64 -10.54
CA VAL B 8 9.72 18.50 -10.59
C VAL B 8 10.22 18.23 -9.20
N TYR B 9 10.99 17.16 -9.06
CA TYR B 9 11.53 16.72 -7.76
C TYR B 9 12.68 15.76 -7.97
N PRO B 10 13.49 15.53 -6.92
CA PRO B 10 14.62 14.60 -7.09
C PRO B 10 14.16 13.19 -7.48
N GLN B 11 14.92 12.54 -8.35
CA GLN B 11 14.57 11.25 -8.89
C GLN B 11 14.82 10.14 -7.83
N PRO B 12 13.81 9.29 -7.58
CA PRO B 12 14.02 8.06 -6.82
C PRO B 12 15.09 7.20 -7.42
N LYS B 13 16.18 7.02 -6.67
CA LYS B 13 17.37 6.29 -7.12
C LYS B 13 17.30 4.86 -6.58
N VAL B 14 17.20 3.91 -7.50
CA VAL B 14 16.84 2.52 -7.19
C VAL B 14 17.93 1.80 -6.43
N LEU B 15 19.17 2.08 -6.80
CA LEU B 15 20.35 1.47 -6.21
C LEU B 15 20.97 2.39 -5.13
N THR B 16 20.18 3.36 -4.66
CA THR B 16 20.53 4.17 -3.49
C THR B 16 19.32 4.09 -2.51
N PRO B 17 19.43 3.24 -1.48
CA PRO B 17 18.38 3.08 -0.45
C PRO B 17 17.94 4.37 0.21
N CYS B 18 16.65 4.43 0.52
CA CYS B 18 16.07 5.51 1.33
C CYS B 18 16.78 5.70 2.65
N ARG B 19 16.59 4.72 3.50
CA ARG B 19 17.16 4.63 4.84
C ARG B 19 17.74 3.21 4.94
N LYS B 20 18.82 3.06 5.70
CA LYS B 20 19.56 1.85 5.77
C LYS B 20 19.60 1.32 7.22
N ASP B 21 19.48 2.17 8.20
CA ASP B 21 19.48 1.77 9.63
C ASP B 21 18.20 1.10 10.08
N VAL B 22 17.07 1.45 9.47
CA VAL B 22 15.74 0.98 9.87
C VAL B 22 15.00 0.24 8.77
N LEU B 23 14.02 -0.55 9.21
CA LEU B 23 13.05 -1.24 8.32
C LEU B 23 12.02 -0.25 7.81
N VAL B 24 11.92 -0.12 6.48
CA VAL B 24 10.98 0.75 5.84
C VAL B 24 9.72 0.10 5.23
N VAL B 25 9.65 -1.22 5.26
CA VAL B 25 8.51 -1.98 4.77
C VAL B 25 8.23 -3.25 5.62
N THR B 26 6.97 -3.59 5.86
CA THR B 26 6.62 -4.79 6.61
C THR B 26 6.62 -6.01 5.71
N PRO B 27 6.86 -7.24 6.28
CA PRO B 27 6.81 -8.46 5.50
C PRO B 27 5.46 -8.74 4.77
N TRP B 28 4.39 -8.07 5.14
CA TRP B 28 3.12 -8.12 4.35
C TRP B 28 2.98 -6.93 3.44
N LEU B 29 4.11 -6.23 3.20
CA LEU B 29 4.25 -5.20 2.13
C LEU B 29 3.62 -3.85 2.43
N ALA B 30 3.37 -3.58 3.70
CA ALA B 30 2.93 -2.27 4.14
C ALA B 30 4.12 -1.42 4.46
N PRO B 31 4.06 -0.14 4.13
CA PRO B 31 5.18 0.76 4.49
C PRO B 31 5.32 0.99 6.00
N ILE B 32 6.56 1.17 6.44
CA ILE B 32 6.83 1.80 7.75
C ILE B 32 7.31 3.23 7.49
N VAL B 33 6.56 4.22 7.98
CA VAL B 33 6.78 5.63 7.67
C VAL B 33 7.92 6.25 8.54
N TRP B 34 8.99 6.64 7.86
CA TRP B 34 10.14 7.33 8.49
C TRP B 34 10.47 8.56 7.66
N GLU B 35 11.14 9.54 8.28
CA GLU B 35 11.61 10.68 7.49
C GLU B 35 12.55 10.21 6.41
N GLY B 36 12.39 10.81 5.21
CA GLY B 36 13.21 10.50 4.01
C GLY B 36 12.76 9.28 3.26
N THR B 37 11.55 8.79 3.57
CA THR B 37 10.96 7.68 2.79
C THR B 37 9.95 8.24 1.78
N PHE B 38 9.38 9.39 2.08
CA PHE B 38 8.26 9.92 1.30
C PHE B 38 8.48 11.38 0.81
N ASN B 39 8.01 11.65 -0.39
CA ASN B 39 7.94 12.98 -0.93
C ASN B 39 6.51 13.51 -0.63
N ILE B 40 6.42 14.43 0.32
CA ILE B 40 5.14 14.95 0.75
C ILE B 40 4.44 15.77 -0.32
N ASP B 41 5.22 16.30 -1.24
CA ASP B 41 4.70 17.02 -2.40
C ASP B 41 3.82 16.19 -3.33
N ILE B 42 4.28 14.99 -3.61
CA ILE B 42 3.53 14.06 -4.44
C ILE B 42 2.29 13.59 -3.66
N LEU B 43 2.51 13.19 -2.41
CA LEU B 43 1.43 12.74 -1.53
C LEU B 43 0.35 13.80 -1.25
N ASN B 44 0.76 15.03 -0.94
CA ASN B 44 -0.17 16.17 -0.85
C ASN B 44 -1.04 16.34 -2.07
N GLU B 45 -0.41 16.29 -3.25
CA GLU B 45 -1.10 16.46 -4.55
C GLU B 45 -2.09 15.29 -4.74
N GLN B 46 -1.67 14.06 -4.44
CA GLN B 46 -2.51 12.90 -4.56
C GLN B 46 -3.76 13.03 -3.75
N PHE B 47 -3.60 13.43 -2.47
CA PHE B 47 -4.72 13.51 -1.58
C PHE B 47 -5.59 14.75 -1.78
N ARG B 48 -4.98 15.84 -2.25
CA ARG B 48 -5.73 17.05 -2.56
C ARG B 48 -6.63 16.89 -3.78
N LEU B 49 -6.22 16.04 -4.71
CA LEU B 49 -7.00 15.76 -5.92
C LEU B 49 -8.29 14.98 -5.64
N GLN B 50 -8.33 14.26 -4.54
CA GLN B 50 -9.57 13.57 -4.08
C GLN B 50 -10.30 14.38 -3.03
N ASN B 51 -9.87 15.61 -2.81
CA ASN B 51 -10.43 16.47 -1.75
C ASN B 51 -10.69 15.75 -0.45
N THR B 52 -9.63 15.06 0.03
CA THR B 52 -9.62 14.25 1.24
C THR B 52 -10.06 15.09 2.46
N THR B 53 -10.89 14.49 3.32
CA THR B 53 -11.29 15.08 4.60
C THR B 53 -10.82 14.15 5.74
N ILE B 54 -10.01 14.68 6.65
CA ILE B 54 -9.48 13.91 7.79
C ILE B 54 -10.17 14.32 9.09
N GLY B 55 -10.95 13.41 9.68
CA GLY B 55 -11.40 13.50 11.08
C GLY B 55 -10.29 13.17 12.09
N LEU B 56 -10.21 13.91 13.18
CA LEU B 56 -9.26 13.67 14.27
C LEU B 56 -9.99 13.62 15.62
N THR B 57 -10.19 12.40 16.14
CA THR B 57 -10.88 12.20 17.39
C THR B 57 -9.95 12.27 18.57
N VAL B 58 -10.46 12.82 19.68
CA VAL B 58 -9.66 12.99 20.87
C VAL B 58 -10.56 13.19 22.14
N PHE B 59 -10.30 12.38 23.15
CA PHE B 59 -11.05 12.36 24.39
C PHE B 59 -10.32 13.21 25.46
N ALA B 60 -11.05 14.19 26.00
CA ALA B 60 -10.52 15.03 27.03
C ALA B 60 -11.47 15.04 28.25
N ILE B 61 -11.45 13.96 29.01
CA ILE B 61 -12.43 13.71 30.07
C ILE B 61 -11.84 14.13 31.40
N LYS B 62 -12.66 14.74 32.25
CA LYS B 62 -12.26 15.20 33.59
C LYS B 62 -11.04 16.11 33.53
N LYS B 63 -9.99 15.79 34.28
CA LYS B 63 -8.79 16.62 34.33
C LYS B 63 -7.99 16.71 33.02
N TYR B 64 -8.39 15.93 32.02
CA TYR B 64 -7.70 15.92 30.73
C TYR B 64 -8.11 17.04 29.78
N VAL B 65 -9.09 17.86 30.16
CA VAL B 65 -9.42 19.06 29.40
C VAL B 65 -8.26 20.06 29.43
N ALA B 66 -7.47 20.07 30.51
CA ALA B 66 -6.26 20.94 30.59
C ALA B 66 -5.31 20.77 29.41
N PHE B 67 -5.36 19.60 28.73
CA PHE B 67 -4.46 19.27 27.65
C PHE B 67 -4.93 19.79 26.28
N LEU B 68 -6.19 20.19 26.20
CA LEU B 68 -6.83 20.50 24.92
C LEU B 68 -6.20 21.66 24.16
N LYS B 69 -6.00 22.79 24.83
CA LYS B 69 -5.46 24.01 24.20
C LYS B 69 -4.15 23.78 23.45
N LEU B 70 -3.16 23.22 24.12
CA LEU B 70 -1.84 22.94 23.50
C LEU B 70 -1.96 21.90 22.39
N PHE B 71 -2.82 20.90 22.62
CA PHE B 71 -3.05 19.86 21.61
C PHE B 71 -3.67 20.46 20.38
N LEU B 72 -4.71 21.29 20.56
CA LEU B 72 -5.42 21.84 19.42
C LEU B 72 -4.62 22.88 18.61
N GLU B 73 -3.90 23.78 19.29
CA GLU B 73 -3.10 24.82 18.65
C GLU B 73 -1.93 24.26 17.87
N THR B 74 -1.27 23.23 18.45
CA THR B 74 -0.18 22.56 17.73
C THR B 74 -0.69 21.75 16.51
N ALA B 75 -1.92 21.21 16.63
CA ALA B 75 -2.57 20.53 15.52
C ALA B 75 -2.79 21.49 14.32
N GLU B 76 -3.16 22.72 14.63
CA GLU B 76 -3.25 23.77 13.62
C GLU B 76 -1.97 24.02 12.83
N LYS B 77 -0.82 23.90 13.51
CA LYS B 77 0.47 24.21 12.93
C LYS B 77 1.15 23.04 12.25
N HIS B 78 0.77 21.82 12.62
CA HIS B 78 1.44 20.59 12.09
C HIS B 78 0.57 19.49 11.49
N PHE B 79 -0.70 19.42 11.84
CA PHE B 79 -1.54 18.29 11.45
C PHE B 79 -2.39 18.51 10.19
N MET B 80 -1.99 17.85 9.11
CA MET B 80 -2.72 17.83 7.83
C MET B 80 -3.02 19.19 7.27
N VAL B 81 -2.09 20.10 7.44
CA VAL B 81 -2.23 21.48 7.01
C VAL B 81 -2.38 21.56 5.48
N GLY B 82 -3.35 22.37 5.05
CA GLY B 82 -3.71 22.51 3.65
C GLY B 82 -4.84 21.63 3.24
N HIS B 83 -5.10 20.59 4.04
CA HIS B 83 -6.20 19.67 3.82
C HIS B 83 -7.34 20.04 4.73
N ARG B 84 -8.52 19.49 4.42
CA ARG B 84 -9.69 19.62 5.24
C ARG B 84 -9.56 18.79 6.48
N VAL B 85 -9.78 19.42 7.63
CA VAL B 85 -9.70 18.75 8.94
C VAL B 85 -10.94 19.04 9.75
N HIS B 86 -11.57 18.00 10.25
CA HIS B 86 -12.69 18.12 11.17
C HIS B 86 -12.36 17.42 12.51
N TYR B 87 -12.08 18.21 13.53
CA TYR B 87 -11.78 17.70 14.87
C TYR B 87 -13.03 17.19 15.55
N TYR B 88 -12.91 16.09 16.26
CA TYR B 88 -13.95 15.62 17.15
C TYR B 88 -13.47 15.54 18.59
N VAL B 89 -13.98 16.42 19.43
CA VAL B 89 -13.62 16.48 20.83
C VAL B 89 -14.68 15.85 21.72
N PHE B 90 -14.33 14.75 22.35
CA PHE B 90 -15.20 14.05 23.25
C PHE B 90 -14.85 14.41 24.68
N THR B 91 -15.82 14.95 25.40
CA THR B 91 -15.60 15.42 26.77
C THR B 91 -16.85 15.34 27.65
N ASP B 92 -16.64 15.34 28.96
CA ASP B 92 -17.74 15.39 29.92
C ASP B 92 -18.07 16.83 30.31
N GLN B 93 -17.19 17.76 29.93
CA GLN B 93 -17.32 19.19 30.22
C GLN B 93 -17.35 20.02 28.93
N LEU B 94 -18.55 20.45 28.52
CA LEU B 94 -18.70 21.27 27.32
C LEU B 94 -18.04 22.67 27.42
N ALA B 95 -18.22 23.31 28.56
CA ALA B 95 -17.76 24.68 28.76
C ALA B 95 -16.21 24.77 28.80
N ALA B 96 -15.58 23.67 29.22
CA ALA B 96 -14.15 23.66 29.50
C ALA B 96 -13.28 23.55 28.26
N VAL B 97 -13.89 23.42 27.10
CA VAL B 97 -13.15 23.33 25.83
C VAL B 97 -12.73 24.73 25.40
N PRO B 98 -11.42 24.97 25.31
CA PRO B 98 -10.87 26.29 25.03
C PRO B 98 -11.18 26.77 23.61
N ARG B 99 -11.22 28.06 23.44
CA ARG B 99 -11.46 28.67 22.14
C ARG B 99 -10.14 28.66 21.37
N VAL B 100 -10.06 27.85 20.34
CA VAL B 100 -8.83 27.75 19.55
C VAL B 100 -9.16 28.24 18.13
N THR B 101 -8.34 29.14 17.64
CA THR B 101 -8.51 29.71 16.32
C THR B 101 -8.02 28.68 15.30
N LEU B 102 -8.89 28.37 14.38
CA LEU B 102 -8.66 27.33 13.38
C LEU B 102 -8.42 27.94 12.00
N GLY B 103 -7.43 27.41 11.29
CA GLY B 103 -7.19 27.76 9.90
C GLY B 103 -8.39 27.41 9.01
N THR B 104 -8.46 28.03 7.82
CA THR B 104 -9.56 27.80 6.92
C THR B 104 -9.66 26.36 6.48
N GLY B 105 -10.91 25.92 6.21
CA GLY B 105 -11.18 24.56 5.78
C GLY B 105 -11.07 23.57 6.89
N ARG B 106 -11.07 24.07 8.12
CA ARG B 106 -10.96 23.23 9.30
C ARG B 106 -12.07 23.65 10.29
N GLN B 107 -12.67 22.66 10.95
CA GLN B 107 -13.70 22.94 11.96
C GLN B 107 -13.59 22.02 13.15
N LEU B 108 -14.30 22.41 14.20
CA LEU B 108 -14.35 21.62 15.45
C LEU B 108 -15.79 21.34 15.85
N SER B 109 -16.02 20.11 16.31
CA SER B 109 -17.24 19.73 16.95
C SER B 109 -16.96 19.12 18.32
N VAL B 110 -17.82 19.43 19.29
CA VAL B 110 -17.71 18.91 20.67
C VAL B 110 -18.86 17.94 20.90
N LEU B 111 -18.56 16.77 21.41
CA LEU B 111 -19.56 15.76 21.74
C LEU B 111 -19.42 15.32 23.20
N GLU B 112 -20.50 15.46 23.98
CA GLU B 112 -20.48 15.09 25.39
C GLU B 112 -20.59 13.60 25.58
N VAL B 113 -19.84 13.06 26.53
CA VAL B 113 -19.88 11.63 26.88
C VAL B 113 -19.98 11.42 28.42
N ARG B 114 -20.23 10.19 28.83
CA ARG B 114 -20.22 9.83 30.25
C ARG B 114 -18.79 9.77 30.77
N ALA B 115 -18.60 10.17 32.00
CA ALA B 115 -17.30 10.13 32.68
C ALA B 115 -17.25 8.93 33.61
N TYR B 116 -16.32 8.02 33.34
CA TYR B 116 -16.15 6.85 34.18
C TYR B 116 -15.20 7.16 35.31
N LYS B 117 -15.37 6.42 36.40
CA LYS B 117 -14.61 6.64 37.62
C LYS B 117 -13.12 6.30 37.43
N ARG B 118 -12.84 5.05 37.09
CA ARG B 118 -11.49 4.56 36.90
C ARG B 118 -10.93 5.03 35.54
N TRP B 119 -9.65 5.41 35.56
CA TRP B 119 -8.99 5.95 34.38
C TRP B 119 -8.84 4.88 33.29
N GLN B 120 -8.83 3.61 33.68
CA GLN B 120 -8.76 2.50 32.76
C GLN B 120 -10.02 2.38 31.93
N ASP B 121 -11.17 2.61 32.54
CA ASP B 121 -12.45 2.56 31.85
C ASP B 121 -12.60 3.70 30.85
N VAL B 122 -12.12 4.90 31.24
CA VAL B 122 -12.22 6.10 30.39
C VAL B 122 -11.44 5.86 29.08
N SER B 123 -10.22 5.32 29.24
CA SER B 123 -9.37 4.95 28.12
C SER B 123 -9.97 3.80 27.31
N MET B 124 -10.53 2.80 27.98
CA MET B 124 -11.12 1.61 27.32
C MET B 124 -12.34 1.93 26.50
N ARG B 125 -13.27 2.65 27.10
CA ARG B 125 -14.55 2.99 26.46
C ARG B 125 -14.44 3.97 25.28
N ARG B 126 -13.21 4.41 24.95
CA ARG B 126 -12.95 5.23 23.74
C ARG B 126 -13.44 4.49 22.50
N MET B 127 -13.09 3.22 22.41
CA MET B 127 -13.50 2.32 21.33
C MET B 127 -15.03 2.27 21.17
N GLU B 128 -15.75 2.20 22.29
CA GLU B 128 -17.21 2.17 22.28
C GLU B 128 -17.78 3.50 21.68
N MET B 129 -17.25 4.63 22.18
CA MET B 129 -17.76 5.95 21.83
C MET B 129 -17.45 6.32 20.35
N ILE B 130 -16.23 6.00 19.86
CA ILE B 130 -15.88 6.21 18.49
C ILE B 130 -16.83 5.38 17.59
N SER B 131 -17.07 4.14 17.96
CA SER B 131 -17.93 3.25 17.20
C SER B 131 -19.39 3.76 17.12
N ASP B 132 -19.93 4.17 18.27
CA ASP B 132 -21.28 4.68 18.36
C ASP B 132 -21.47 5.97 17.58
N PHE B 133 -20.41 6.76 17.45
CA PHE B 133 -20.41 8.01 16.71
C PHE B 133 -20.39 7.80 15.18
N CYS B 134 -19.57 6.87 14.70
CA CYS B 134 -19.51 6.52 13.26
C CYS B 134 -20.79 5.79 12.81
N GLU B 135 -21.37 5.01 13.74
CA GLU B 135 -22.66 4.38 13.51
C GLU B 135 -23.80 5.40 13.34
N ARG B 136 -23.76 6.43 14.21
CA ARG B 136 -24.78 7.47 14.22
C ARG B 136 -24.67 8.38 12.97
N ARG B 137 -23.42 8.61 12.52
CA ARG B 137 -23.16 9.52 11.36
C ARG B 137 -23.14 8.79 10.01
N PHE B 138 -23.14 7.45 10.07
CA PHE B 138 -22.92 6.56 8.89
C PHE B 138 -21.48 6.69 8.31
N LEU B 139 -20.98 7.93 8.28
CA LEU B 139 -19.61 8.22 7.79
C LEU B 139 -19.62 9.65 7.30
N SER B 140 -20.27 9.84 6.14
CA SER B 140 -20.56 11.16 5.56
C SER B 140 -19.38 12.18 5.52
N GLU B 141 -19.04 12.75 6.68
CA GLU B 141 -18.24 13.98 6.73
C GLU B 141 -16.80 13.78 6.31
N VAL B 142 -16.18 12.67 6.74
CA VAL B 142 -14.76 12.45 6.57
C VAL B 142 -14.47 11.17 5.79
N ASP B 143 -13.26 11.12 5.20
CA ASP B 143 -12.82 9.95 4.45
C ASP B 143 -11.95 9.05 5.32
N TYR B 144 -11.21 9.69 6.23
CA TYR B 144 -10.32 9.00 7.17
C TYR B 144 -10.49 9.51 8.61
N LEU B 145 -10.27 8.62 9.57
CA LEU B 145 -10.26 9.00 11.00
C LEU B 145 -8.90 8.72 11.61
N VAL B 146 -8.43 9.67 12.41
CA VAL B 146 -7.18 9.51 13.17
C VAL B 146 -7.51 9.62 14.65
N CYS B 147 -7.22 8.58 15.42
CA CYS B 147 -7.59 8.52 16.84
C CYS B 147 -6.38 8.56 17.77
N VAL B 148 -6.23 9.68 18.49
CA VAL B 148 -5.06 9.95 19.35
C VAL B 148 -5.39 10.30 20.78
N ASP B 149 -4.46 10.01 21.68
CA ASP B 149 -4.46 10.50 23.08
C ASP B 149 -4.46 12.02 23.08
N VAL B 150 -4.99 12.60 24.15
CA VAL B 150 -5.05 14.06 24.28
C VAL B 150 -3.80 14.66 24.93
N ASP B 151 -3.07 13.84 25.70
CA ASP B 151 -1.97 14.34 26.56
C ASP B 151 -0.72 14.50 25.72
N MET B 152 -0.87 15.23 24.61
CA MET B 152 0.14 15.27 23.57
C MET B 152 0.22 16.66 22.92
N GLU B 153 1.39 16.97 22.35
CA GLU B 153 1.59 18.15 21.55
C GLU B 153 2.28 17.79 20.20
N PHE B 154 1.92 18.47 19.13
CA PHE B 154 2.53 18.30 17.83
C PHE B 154 3.73 19.22 17.77
N ARG B 155 4.85 18.73 17.23
CA ARG B 155 6.08 19.52 17.13
C ARG B 155 6.64 19.60 15.70
N ASP B 156 6.32 18.60 14.89
CA ASP B 156 6.74 18.58 13.48
C ASP B 156 5.63 17.96 12.60
N HIS B 157 5.89 17.92 11.29
CA HIS B 157 4.87 17.57 10.30
C HIS B 157 4.21 16.18 10.50
N VAL B 158 2.88 16.18 10.53
CA VAL B 158 2.08 14.94 10.50
C VAL B 158 1.02 15.13 9.43
N GLY B 159 1.28 14.56 8.25
CA GLY B 159 0.41 14.80 7.09
C GLY B 159 -0.17 13.54 6.48
N VAL B 160 -0.50 13.64 5.18
CA VAL B 160 -1.23 12.59 4.47
C VAL B 160 -0.45 11.31 4.22
N GLU B 161 0.85 11.32 4.50
CA GLU B 161 1.68 10.12 4.39
C GLU B 161 1.17 8.96 5.30
N ILE B 162 0.48 9.27 6.36
CA ILE B 162 0.00 8.25 7.32
C ILE B 162 -1.34 7.64 6.81
N LEU B 163 -2.02 8.41 5.95
CA LEU B 163 -3.33 8.01 5.44
C LEU B 163 -3.27 6.76 4.58
N THR B 164 -4.10 5.79 4.96
CA THR B 164 -4.11 4.44 4.38
C THR B 164 -5.32 3.73 5.00
N PRO B 165 -5.85 2.69 4.33
CA PRO B 165 -7.07 2.03 4.87
C PRO B 165 -7.01 1.68 6.35
N LEU B 166 -5.84 1.24 6.84
CA LEU B 166 -5.68 0.92 8.29
C LEU B 166 -4.24 1.12 8.76
N PHE B 167 -4.07 1.86 9.86
CA PHE B 167 -2.76 2.07 10.41
C PHE B 167 -2.66 2.07 11.94
N GLY B 168 -1.53 1.55 12.42
CA GLY B 168 -1.11 1.68 13.80
C GLY B 168 0.28 2.27 13.81
N THR B 169 0.77 2.57 14.99
CA THR B 169 2.08 3.22 15.21
C THR B 169 2.86 2.39 16.21
N LEU B 170 4.17 2.39 16.06
CA LEU B 170 5.04 1.57 16.87
C LEU B 170 5.24 2.24 18.23
N HIS B 171 4.98 1.48 19.29
CA HIS B 171 5.18 1.96 20.65
C HIS B 171 6.69 2.22 20.83
N PRO B 172 7.04 3.45 21.25
CA PRO B 172 8.44 3.88 21.40
C PRO B 172 9.24 3.06 22.37
N GLY B 173 8.57 2.44 23.31
CA GLY B 173 9.23 1.58 24.27
C GLY B 173 9.71 0.23 23.73
N PHE B 174 9.04 -0.27 22.70
CA PHE B 174 9.20 -1.66 22.28
C PHE B 174 9.57 -1.87 20.82
N TYR B 175 10.05 -0.84 20.11
CA TYR B 175 10.46 -0.99 18.71
C TYR B 175 11.80 -1.75 18.56
N GLY B 176 12.61 -1.77 19.61
CA GLY B 176 13.85 -2.54 19.60
C GLY B 176 13.80 -3.76 20.50
N SER B 177 12.60 -4.15 20.86
CA SER B 177 12.40 -5.31 21.71
C SER B 177 11.86 -6.47 20.89
N SER B 178 12.10 -7.67 21.37
CA SER B 178 11.58 -8.86 20.73
C SER B 178 10.16 -9.15 21.22
N ARG B 179 9.47 -10.05 20.51
CA ARG B 179 8.02 -10.27 20.74
C ARG B 179 7.67 -10.88 22.12
N GLU B 180 8.62 -11.58 22.74
CA GLU B 180 8.42 -12.13 24.08
C GLU B 180 8.74 -11.10 25.17
N ALA B 181 9.30 -9.98 24.78
CA ALA B 181 9.49 -8.83 25.69
C ALA B 181 8.34 -7.82 25.58
N PHE B 182 7.55 -7.93 24.49
CA PHE B 182 6.37 -7.16 24.32
C PHE B 182 5.37 -7.43 25.45
N THR B 183 4.66 -6.39 25.88
CA THR B 183 3.71 -6.46 26.97
C THR B 183 2.28 -6.77 26.44
N TYR B 184 2.18 -7.85 25.68
CA TYR B 184 0.90 -8.37 25.24
C TYR B 184 0.17 -8.94 26.46
N GLU B 185 -1.15 -9.17 26.28
CA GLU B 185 -1.93 -9.90 27.26
C GLU B 185 -1.51 -11.37 27.17
N ARG B 186 -0.97 -11.91 28.27
CA ARG B 186 -0.48 -13.30 28.27
C ARG B 186 -1.42 -14.35 28.90
N ARG B 187 -2.58 -13.91 29.36
CA ARG B 187 -3.58 -14.84 29.90
C ARG B 187 -4.48 -15.35 28.78
N PRO B 188 -4.53 -16.67 28.58
CA PRO B 188 -5.35 -17.30 27.56
C PRO B 188 -6.84 -17.12 27.73
N GLN B 189 -7.28 -16.77 28.92
CA GLN B 189 -8.68 -16.45 29.20
C GLN B 189 -9.14 -15.19 28.47
N SER B 190 -8.20 -14.30 28.15
CA SER B 190 -8.52 -12.98 27.53
C SER B 190 -8.68 -13.06 26.02
N GLN B 191 -9.56 -12.25 25.49
CA GLN B 191 -9.78 -12.13 24.05
C GLN B 191 -8.63 -11.43 23.35
N ALA B 192 -7.71 -10.90 24.14
CA ALA B 192 -6.55 -10.17 23.66
C ALA B 192 -5.28 -10.99 23.78
N TYR B 193 -5.45 -12.29 24.07
CA TYR B 193 -4.32 -13.17 24.28
C TYR B 193 -3.51 -13.39 23.01
N ILE B 194 -2.22 -13.17 23.12
CA ILE B 194 -1.27 -13.49 22.07
C ILE B 194 -0.12 -14.25 22.76
N PRO B 195 0.17 -15.48 22.31
CA PRO B 195 1.24 -16.28 22.88
C PRO B 195 2.63 -15.80 22.49
N LYS B 196 3.65 -16.25 23.22
CA LYS B 196 5.07 -15.74 23.06
C LYS B 196 5.67 -15.95 21.66
N ASP B 197 5.10 -16.87 20.90
CA ASP B 197 5.57 -17.15 19.54
C ASP B 197 4.88 -16.26 18.47
N GLU B 198 3.88 -15.49 18.86
CA GLU B 198 3.15 -14.61 17.93
C GLU B 198 3.39 -13.13 18.15
N GLY B 199 3.14 -12.35 17.10
CA GLY B 199 3.27 -10.89 17.15
C GLY B 199 4.25 -10.33 16.16
N ASP B 200 3.87 -9.22 15.51
CA ASP B 200 4.80 -8.51 14.63
C ASP B 200 5.42 -7.31 15.40
N PHE B 201 4.55 -6.40 15.83
CA PHE B 201 4.97 -5.17 16.48
C PHE B 201 4.11 -4.94 17.72
N TYR B 202 4.59 -4.09 18.61
CA TYR B 202 3.80 -3.57 19.68
C TYR B 202 3.29 -2.18 19.29
N TYR B 203 2.00 -2.11 19.04
CA TYR B 203 1.38 -0.89 18.56
C TYR B 203 0.83 -0.07 19.68
N LEU B 204 0.87 1.27 19.50
CA LEU B 204 0.33 2.21 20.47
C LEU B 204 -1.20 2.30 20.46
N GLY B 205 -1.79 2.37 21.64
CA GLY B 205 -3.20 2.66 21.76
C GLY B 205 -3.57 4.10 21.53
N GLY B 206 -2.59 4.98 21.66
CA GLY B 206 -2.82 6.44 21.53
C GLY B 206 -2.62 7.07 20.15
N PHE B 207 -2.46 6.24 19.12
CA PHE B 207 -2.36 6.70 17.73
C PHE B 207 -2.65 5.55 16.76
N PHE B 208 -3.89 5.49 16.29
CA PHE B 208 -4.31 4.61 15.22
C PHE B 208 -5.31 5.28 14.30
N GLY B 209 -5.64 4.66 13.19
CA GLY B 209 -6.63 5.19 12.28
C GLY B 209 -6.68 4.55 10.88
N GLY B 210 -7.33 5.24 9.96
CA GLY B 210 -7.60 4.73 8.66
C GLY B 210 -8.88 5.26 8.08
N SER B 211 -9.36 4.61 7.01
CA SER B 211 -10.72 4.92 6.46
C SER B 211 -11.81 4.75 7.52
N VAL B 212 -12.91 5.45 7.34
CA VAL B 212 -14.06 5.32 8.27
C VAL B 212 -14.55 3.89 8.45
N GLN B 213 -14.63 3.17 7.35
CA GLN B 213 -15.09 1.77 7.34
C GLN B 213 -14.22 0.92 8.21
N GLU B 214 -12.90 1.04 8.01
CA GLU B 214 -11.92 0.25 8.77
C GLU B 214 -11.86 0.61 10.24
N VAL B 215 -12.03 1.89 10.53
CA VAL B 215 -11.95 2.38 11.90
C VAL B 215 -13.19 1.98 12.72
N GLN B 216 -14.36 2.06 12.08
CA GLN B 216 -15.61 1.58 12.69
C GLN B 216 -15.55 0.10 12.95
N ARG B 217 -15.06 -0.63 11.98
CA ARG B 217 -14.81 -2.09 12.11
C ARG B 217 -13.90 -2.42 13.26
N LEU B 218 -12.77 -1.68 13.38
CA LEU B 218 -11.79 -1.97 14.40
C LEU B 218 -12.28 -1.63 15.80
N THR B 219 -12.93 -0.47 15.95
CA THR B 219 -13.40 -0.03 17.26
C THR B 219 -14.50 -0.91 17.82
N ARG B 220 -15.37 -1.36 16.91
CA ARG B 220 -16.43 -2.29 17.25
C ARG B 220 -15.84 -3.66 17.67
N ALA B 221 -14.91 -4.19 16.87
CA ALA B 221 -14.24 -5.43 17.23
C ALA B 221 -13.60 -5.38 18.64
N CYS B 222 -12.88 -4.28 18.91
CA CYS B 222 -12.15 -4.12 20.17
C CYS B 222 -13.08 -3.96 21.39
N HIS B 223 -14.16 -3.22 21.23
CA HIS B 223 -15.14 -3.00 22.28
C HIS B 223 -15.86 -4.30 22.64
N GLN B 224 -16.29 -5.06 21.63
CA GLN B 224 -16.97 -6.33 21.89
C GLN B 224 -16.01 -7.34 22.53
N ALA B 225 -14.75 -7.30 22.10
CA ALA B 225 -13.68 -8.07 22.69
C ALA B 225 -13.48 -7.75 24.14
N MET B 226 -13.61 -6.48 24.49
CA MET B 226 -13.51 -6.05 25.88
C MET B 226 -14.76 -6.38 26.72
N MET B 227 -15.93 -6.41 26.08
CA MET B 227 -17.20 -6.77 26.72
C MET B 227 -17.23 -8.23 27.14
N VAL B 228 -16.68 -9.11 26.30
CA VAL B 228 -16.52 -10.54 26.63
C VAL B 228 -15.53 -10.74 27.78
N ASP B 229 -14.47 -9.93 27.82
CA ASP B 229 -13.52 -9.96 28.92
C ASP B 229 -14.16 -9.55 30.25
N GLN B 230 -14.99 -8.52 30.19
CA GLN B 230 -15.71 -8.01 31.35
C GLN B 230 -16.67 -9.10 31.88
N ALA B 231 -17.42 -9.72 30.97
CA ALA B 231 -18.31 -10.82 31.32
C ALA B 231 -17.56 -12.05 31.88
N ASN B 232 -16.31 -12.26 31.45
CA ASN B 232 -15.47 -13.33 31.99
C ASN B 232 -14.66 -12.87 33.22
N GLY B 233 -14.86 -11.64 33.65
CA GLY B 233 -14.20 -11.15 34.88
C GLY B 233 -12.75 -10.73 34.71
N ILE B 234 -12.35 -10.43 33.49
CA ILE B 234 -10.94 -10.15 33.17
C ILE B 234 -10.77 -8.76 32.55
N GLU B 235 -9.75 -8.04 33.02
CA GLU B 235 -9.32 -6.77 32.49
C GLU B 235 -7.94 -6.92 31.86
N ALA B 236 -7.82 -6.56 30.58
CA ALA B 236 -6.57 -6.71 29.82
C ALA B 236 -5.47 -5.83 30.38
N VAL B 237 -4.25 -6.36 30.41
CA VAL B 237 -3.09 -5.72 31.07
C VAL B 237 -2.90 -4.28 30.64
N TRP B 238 -2.92 -4.01 29.34
CA TRP B 238 -2.81 -2.66 28.82
C TRP B 238 -4.13 -2.17 28.15
N HIS B 239 -5.24 -2.68 28.67
CA HIS B 239 -6.59 -2.07 28.53
C HIS B 239 -7.00 -1.95 27.09
N ASP B 240 -7.23 -0.74 26.61
CA ASP B 240 -7.60 -0.55 25.20
C ASP B 240 -6.51 -0.95 24.24
N GLU B 241 -5.25 -0.71 24.65
CA GLU B 241 -4.07 -1.00 23.84
C GLU B 241 -3.90 -2.49 23.56
N SER B 242 -4.21 -3.33 24.53
CA SER B 242 -4.03 -4.74 24.40
C SER B 242 -4.91 -5.32 23.30
N HIS B 243 -6.14 -4.83 23.21
CA HIS B 243 -7.09 -5.30 22.22
C HIS B 243 -6.82 -4.80 20.82
N LEU B 244 -6.14 -3.67 20.72
CA LEU B 244 -5.74 -3.13 19.42
C LEU B 244 -4.61 -3.96 18.86
N ASN B 245 -3.71 -4.38 19.74
CA ASN B 245 -2.60 -5.26 19.38
C ASN B 245 -3.08 -6.64 18.90
N LYS B 246 -4.03 -7.22 19.63
CA LYS B 246 -4.70 -8.43 19.16
C LYS B 246 -5.32 -8.25 17.76
N TYR B 247 -5.86 -7.07 17.48
CA TYR B 247 -6.54 -6.83 16.25
C TYR B 247 -5.53 -6.62 15.08
N LEU B 248 -4.48 -5.85 15.31
CA LEU B 248 -3.47 -5.53 14.30
C LEU B 248 -2.53 -6.70 14.01
N LEU B 249 -2.52 -7.67 14.93
CA LEU B 249 -1.95 -9.00 14.65
C LEU B 249 -2.82 -9.80 13.67
N ARG B 250 -4.13 -9.77 13.86
CA ARG B 250 -5.04 -10.59 13.04
C ARG B 250 -5.52 -9.88 11.76
N HIS B 251 -5.42 -8.56 11.74
CA HIS B 251 -5.76 -7.75 10.59
C HIS B 251 -4.64 -6.73 10.44
N LYS B 252 -3.77 -6.99 9.48
CA LYS B 252 -2.54 -6.26 9.34
C LYS B 252 -2.85 -4.85 8.87
N PRO B 253 -2.15 -3.84 9.45
CA PRO B 253 -2.30 -2.48 9.00
C PRO B 253 -1.67 -2.29 7.62
N THR B 254 -2.29 -1.47 6.79
CA THR B 254 -1.79 -1.21 5.43
C THR B 254 -0.64 -0.17 5.41
N LYS B 255 -0.46 0.54 6.52
CA LYS B 255 0.74 1.30 6.83
C LYS B 255 1.03 1.17 8.35
N VAL B 256 2.30 1.25 8.70
CA VAL B 256 2.73 1.33 10.11
C VAL B 256 3.56 2.60 10.27
N LEU B 257 3.35 3.29 11.37
CA LEU B 257 4.12 4.51 11.64
C LEU B 257 5.28 4.25 12.65
N SER B 258 6.41 4.89 12.41
CA SER B 258 7.56 4.84 13.30
C SER B 258 7.33 5.66 14.60
N PRO B 259 8.15 5.42 15.62
CA PRO B 259 8.02 6.17 16.87
C PRO B 259 8.22 7.71 16.74
N GLU B 260 8.62 8.18 15.55
CA GLU B 260 8.53 9.61 15.19
C GLU B 260 7.12 10.16 15.47
N TYR B 261 6.10 9.33 15.30
CA TYR B 261 4.71 9.78 15.36
C TYR B 261 4.07 9.63 16.73
N LEU B 262 4.79 9.07 17.70
CA LEU B 262 4.42 9.16 19.09
C LEU B 262 5.63 8.90 20.01
N TRP B 263 6.19 9.98 20.56
CA TRP B 263 7.40 9.89 21.37
C TRP B 263 7.22 10.53 22.75
N ASP B 264 8.15 10.24 23.65
CA ASP B 264 8.24 10.85 24.96
C ASP B 264 9.69 11.20 25.19
N GLN B 265 9.99 12.49 25.03
CA GLN B 265 11.36 12.97 25.12
C GLN B 265 11.94 12.93 26.52
N GLN B 266 11.11 13.21 27.52
CA GLN B 266 11.50 13.07 28.93
C GLN B 266 11.96 11.63 29.26
N LEU B 267 11.11 10.67 28.94
CA LEU B 267 11.38 9.26 29.27
C LEU B 267 12.44 8.62 28.41
N LEU B 268 12.44 8.96 27.11
CA LEU B 268 13.25 8.23 26.11
C LEU B 268 14.29 9.03 25.34
N GLY B 269 14.32 10.35 25.50
CA GLY B 269 15.35 11.18 24.84
C GLY B 269 15.06 11.46 23.37
N TRP B 270 16.12 11.45 22.57
CA TRP B 270 16.03 11.65 21.12
C TRP B 270 17.13 10.92 20.38
N PRO B 271 16.97 9.60 20.15
CA PRO B 271 17.96 8.77 19.49
C PRO B 271 18.15 9.09 18.01
N ALA B 272 19.26 8.62 17.45
CA ALA B 272 19.70 8.99 16.10
C ALA B 272 18.78 8.50 14.97
N VAL B 273 18.05 7.42 15.22
CA VAL B 273 17.10 6.87 14.24
C VAL B 273 15.83 7.72 14.04
N LEU B 274 15.67 8.75 14.87
CA LEU B 274 14.59 9.70 14.73
C LEU B 274 15.11 11.03 14.20
N ARG B 275 14.81 11.31 12.93
CA ARG B 275 15.21 12.57 12.31
C ARG B 275 14.24 13.71 12.65
N LYS B 276 13.02 13.36 13.03
CA LYS B 276 12.00 14.28 13.44
C LYS B 276 11.14 13.65 14.57
N LEU B 277 10.85 14.44 15.61
CA LEU B 277 9.86 14.14 16.62
C LEU B 277 8.64 14.94 16.26
N ARG B 278 7.56 14.23 15.93
CA ARG B 278 6.37 14.87 15.33
C ARG B 278 5.25 15.09 16.34
N PHE B 279 5.05 14.11 17.22
CA PHE B 279 3.91 14.05 18.12
C PHE B 279 4.40 13.48 19.43
N THR B 280 4.34 14.29 20.48
CA THR B 280 5.07 14.01 21.71
C THR B 280 4.24 14.08 22.99
N ALA B 281 4.64 13.26 23.95
CA ALA B 281 3.98 13.24 25.26
C ALA B 281 4.17 14.54 26.05
N VAL B 282 3.04 15.10 26.49
CA VAL B 282 3.08 16.19 27.47
C VAL B 282 3.29 15.56 28.86
N PRO B 283 4.36 15.95 29.57
CA PRO B 283 4.63 15.41 30.92
C PRO B 283 3.43 15.50 31.82
N LYS B 284 3.05 14.37 32.43
CA LYS B 284 1.92 14.38 33.37
C LYS B 284 2.21 13.56 34.64
N ASN B 285 1.73 14.06 35.76
CA ASN B 285 1.65 13.29 37.00
C ASN B 285 0.40 12.43 36.91
N HIS B 286 0.64 11.17 36.56
CA HIS B 286 -0.42 10.18 36.29
C HIS B 286 -1.43 10.12 37.44
N GLN B 287 -0.95 9.76 38.63
CA GLN B 287 -1.78 9.61 39.84
C GLN B 287 -2.65 10.84 40.09
N ALA B 288 -2.05 12.02 40.00
CA ALA B 288 -2.78 13.29 40.29
C ALA B 288 -3.77 13.70 39.17
N VAL B 289 -3.39 13.47 37.92
CA VAL B 289 -4.22 13.87 36.78
C VAL B 289 -5.37 12.86 36.52
N ARG B 290 -5.21 11.65 37.09
CA ARG B 290 -6.23 10.61 37.02
C ARG B 290 -7.10 10.62 38.31
N ASN B 291 -6.75 11.51 39.24
CA ASN B 291 -7.42 11.69 40.55
C ASN B 291 -7.59 10.45 41.41
#